data_2VZQ
#
_entry.id   2VZQ
#
_cell.length_a   28.925
_cell.length_b   54.772
_cell.length_c   81.341
_cell.angle_alpha   90.00
_cell.angle_beta   100.16
_cell.angle_gamma   90.00
#
_symmetry.space_group_name_H-M   'P 1 21 1'
#
loop_
_entity.id
_entity.type
_entity.pdbx_description
1 polymer EXO-BETA-D-GLUCOSAMINIDASE
2 branched '4-deoxy-beta-L-threo-hex-4-enopyranuronic acid-(1-4)-beta-D-galactopyranuronic acid'
3 non-polymer 'CALCIUM ION'
4 non-polymer 1,2-ETHANEDIOL
5 non-polymer 'SODIUM ION'
6 water water
#
_entity_poly.entity_id   1
_entity_poly.type   'polypeptide(L)'
_entity_poly.pdbx_seq_one_letter_code
;SDPVDYQAEDATIVQGAVESNHAGYTGTGFVNYDNVAGSSVEWTVTVPSAGTYDVVVRYANGTTTSRPLDFSVNGSISAS
GVAFGSTGTWPAWTTKTVRVTLAAGVNKIKAVATTANGGPNVDKITL
;
_entity_poly.pdbx_strand_id   A,B
#
# COMPACT_ATOMS: atom_id res chain seq x y z
N ASP A 2 6.47 6.76 12.61
CA ASP A 2 7.43 6.04 13.54
C ASP A 2 8.19 4.91 12.83
N PRO A 3 9.44 4.62 13.25
CA PRO A 3 10.13 3.44 12.68
C PRO A 3 9.33 2.14 12.86
N VAL A 4 9.43 1.26 11.87
CA VAL A 4 8.77 -0.05 11.82
C VAL A 4 9.85 -1.14 11.84
N ASP A 5 9.57 -2.26 12.52
CA ASP A 5 10.45 -3.43 12.55
C ASP A 5 10.10 -4.29 11.39
N TYR A 6 11.11 -4.60 10.59
CA TYR A 6 10.96 -5.54 9.49
C TYR A 6 11.77 -6.79 9.82
N GLN A 7 11.06 -7.83 10.27
CA GLN A 7 11.78 -9.04 10.70
C GLN A 7 12.53 -9.78 9.58
N ALA A 8 13.78 -10.14 9.84
CA ALA A 8 14.58 -10.88 8.86
C ALA A 8 13.89 -12.17 8.42
N GLU A 9 13.24 -12.85 9.35
CA GLU A 9 12.64 -14.18 9.10
C GLU A 9 11.38 -14.06 8.21
N ASP A 10 10.91 -12.83 8.05
CA ASP A 10 9.75 -12.51 7.19
C ASP A 10 10.17 -12.02 5.80
N ALA A 11 11.46 -11.85 5.62
CA ALA A 11 12.01 -11.29 4.36
C ALA A 11 12.37 -12.41 3.34
N THR A 12 12.90 -12.00 2.19
CA THR A 12 13.35 -12.94 1.11
C THR A 12 14.77 -13.40 1.46
N ILE A 13 14.91 -14.69 1.71
CA ILE A 13 16.18 -15.19 2.19
C ILE A 13 16.81 -16.03 1.08
N VAL A 14 18.06 -15.72 0.75
CA VAL A 14 18.80 -16.50 -0.22
C VAL A 14 20.02 -17.10 0.47
N GLN A 15 20.12 -18.42 0.38
CA GLN A 15 21.13 -19.21 1.06
C GLN A 15 21.19 -18.83 2.52
N GLY A 16 20.11 -19.09 3.23
CA GLY A 16 20.04 -18.83 4.67
C GLY A 16 18.93 -19.67 5.26
N ALA A 17 18.80 -19.64 6.58
CA ALA A 17 17.81 -20.42 7.33
C ALA A 17 17.21 -19.56 8.42
N VAL A 18 15.90 -19.64 8.61
CA VAL A 18 15.25 -19.07 9.82
C VAL A 18 15.53 -20.00 11.02
N GLU A 19 16.14 -19.45 12.06
CA GLU A 19 16.48 -20.20 13.25
C GLU A 19 16.03 -19.43 14.49
N SER A 20 16.03 -20.12 15.62
CA SER A 20 15.55 -19.57 16.87
C SER A 20 16.26 -20.20 18.11
N ASN A 21 17.50 -20.66 17.93
CA ASN A 21 18.19 -21.45 18.96
C ASN A 21 19.14 -20.64 19.82
N HIS A 22 19.15 -19.31 19.61
CA HIS A 22 19.87 -18.39 20.48
C HIS A 22 18.84 -17.42 21.02
N ALA A 23 19.00 -17.10 22.30
CA ALA A 23 18.05 -16.20 22.99
C ALA A 23 18.17 -14.74 22.50
N GLY A 24 17.13 -13.95 22.72
CA GLY A 24 17.19 -12.52 22.51
C GLY A 24 16.75 -11.96 21.16
N TYR A 25 16.42 -12.80 20.17
CA TYR A 25 15.80 -12.29 18.92
C TYR A 25 14.39 -11.67 19.21
N THR A 26 13.91 -10.86 18.27
CA THR A 26 12.52 -10.32 18.32
C THR A 26 11.73 -10.96 17.17
N GLY A 27 10.40 -10.83 17.16
CA GLY A 27 9.62 -11.61 16.19
C GLY A 27 9.72 -13.09 16.52
N THR A 28 9.55 -13.95 15.53
CA THR A 28 9.51 -15.40 15.81
C THR A 28 10.91 -16.08 15.71
N GLY A 29 11.92 -15.35 15.26
CA GLY A 29 13.26 -15.93 15.16
C GLY A 29 14.23 -14.93 14.56
N PHE A 30 15.18 -15.46 13.77
CA PHE A 30 16.22 -14.67 13.09
C PHE A 30 16.71 -15.43 11.87
N VAL A 31 17.54 -14.79 11.07
CA VAL A 31 18.10 -15.45 9.91
C VAL A 31 19.58 -15.75 10.17
N ASN A 32 19.93 -17.02 9.96
CA ASN A 32 21.31 -17.42 9.97
C ASN A 32 21.76 -17.49 8.50
N TYR A 33 22.58 -16.53 8.05
CA TYR A 33 23.06 -16.56 6.66
C TYR A 33 23.85 -17.84 6.47
N ASP A 34 23.73 -18.53 5.33
CA ASP A 34 24.69 -19.60 5.11
C ASP A 34 26.12 -19.05 5.03
N ASN A 35 27.10 -19.82 5.53
CA ASN A 35 28.52 -19.39 5.54
C ASN A 35 29.16 -19.56 4.18
N VAL A 36 28.81 -18.60 3.33
CA VAL A 36 29.16 -18.60 1.96
C VAL A 36 29.04 -17.13 1.49
N ALA A 37 29.89 -16.73 0.55
CA ALA A 37 29.70 -15.43 -0.09
C ALA A 37 28.42 -15.48 -0.93
N GLY A 38 27.65 -14.40 -0.88
CA GLY A 38 26.45 -14.26 -1.71
C GLY A 38 25.14 -14.61 -1.02
N SER A 39 25.23 -15.13 0.20
CA SER A 39 24.06 -15.30 1.07
C SER A 39 23.40 -13.92 1.33
N SER A 40 22.08 -13.85 1.32
CA SER A 40 21.43 -12.56 1.44
C SER A 40 20.05 -12.59 2.11
N VAL A 41 19.62 -11.42 2.57
CA VAL A 41 18.21 -11.20 2.96
C VAL A 41 17.78 -9.90 2.28
N GLU A 42 16.54 -9.87 1.80
CA GLU A 42 15.99 -8.67 1.17
C GLU A 42 14.59 -8.36 1.74
N TRP A 43 14.51 -7.22 2.39
CA TRP A 43 13.32 -6.74 3.07
C TRP A 43 12.53 -5.82 2.13
N THR A 44 11.22 -5.90 2.28
CA THR A 44 10.32 -4.97 1.61
C THR A 44 9.82 -4.02 2.68
N VAL A 45 10.11 -2.72 2.46
CA VAL A 45 9.77 -1.69 3.43
C VAL A 45 8.88 -0.61 2.79
N THR A 46 8.18 0.16 3.61
CA THR A 46 7.37 1.28 3.13
C THR A 46 7.73 2.48 3.99
N VAL A 47 8.08 3.59 3.35
CA VAL A 47 8.44 4.79 4.08
C VAL A 47 7.62 5.97 3.51
N PRO A 48 7.38 7.00 4.33
CA PRO A 48 6.45 8.05 3.92
C PRO A 48 7.03 9.10 2.94
N SER A 49 8.35 9.28 2.93
CA SER A 49 8.98 10.30 2.10
CA SER A 49 8.98 10.32 2.11
C SER A 49 10.30 9.84 1.51
N ALA A 50 10.62 10.36 0.33
CA ALA A 50 11.92 10.15 -0.29
C ALA A 50 13.03 10.75 0.59
N GLY A 51 14.11 10.01 0.78
CA GLY A 51 15.29 10.56 1.44
C GLY A 51 16.17 9.48 2.02
N THR A 52 17.14 9.90 2.82
CA THR A 52 18.11 8.93 3.35
C THR A 52 17.67 8.53 4.73
N TYR A 53 17.47 7.22 4.94
CA TYR A 53 17.01 6.67 6.23
C TYR A 53 18.14 6.05 7.03
N ASP A 54 18.04 6.16 8.35
CA ASP A 54 18.90 5.40 9.28
C ASP A 54 18.32 4.00 9.44
N VAL A 55 18.86 3.04 8.70
CA VAL A 55 18.41 1.64 8.77
C VAL A 55 19.16 0.96 9.91
N VAL A 56 18.43 0.62 10.96
CA VAL A 56 19.04 -0.01 12.15
C VAL A 56 19.01 -1.53 11.96
N VAL A 57 20.21 -2.10 11.88
CA VAL A 57 20.37 -3.53 11.60
C VAL A 57 20.69 -4.20 12.95
N ARG A 58 19.81 -5.11 13.40
CA ARG A 58 20.06 -5.80 14.68
C ARG A 58 20.60 -7.19 14.36
N TYR A 59 21.78 -7.45 14.92
CA TYR A 59 22.61 -8.58 14.51
C TYR A 59 23.45 -9.16 15.67
N ALA A 60 23.98 -10.35 15.41
CA ALA A 60 24.98 -11.00 16.28
C ALA A 60 26.09 -11.65 15.48
N ASN A 61 27.28 -11.73 16.08
CA ASN A 61 28.43 -12.38 15.47
C ASN A 61 29.29 -12.98 16.58
N GLY A 62 29.05 -14.25 16.84
CA GLY A 62 29.76 -15.00 17.89
C GLY A 62 31.12 -15.48 17.42
N THR A 63 31.82 -14.64 16.64
CA THR A 63 33.20 -14.98 16.19
C THR A 63 34.08 -13.75 16.31
N THR A 64 35.40 -13.96 16.21
CA THR A 64 36.32 -12.83 16.20
C THR A 64 36.53 -12.21 14.79
N THR A 65 35.77 -12.66 13.79
CA THR A 65 36.02 -12.22 12.39
C THR A 65 34.84 -11.36 11.97
N SER A 66 35.09 -10.10 11.57
CA SER A 66 34.00 -9.22 11.04
C SER A 66 33.40 -9.87 9.80
N ARG A 67 32.09 -9.68 9.64
CA ARG A 67 31.37 -10.30 8.56
C ARG A 67 30.67 -9.20 7.76
N PRO A 68 31.33 -8.69 6.71
CA PRO A 68 30.78 -7.55 6.01
C PRO A 68 29.59 -7.87 5.08
N LEU A 69 28.72 -6.87 4.91
CA LEU A 69 27.54 -6.96 4.05
C LEU A 69 27.55 -5.76 3.11
N ASP A 70 27.12 -5.98 1.87
CA ASP A 70 26.78 -4.87 0.97
C ASP A 70 25.25 -4.69 0.95
N PHE A 71 24.81 -3.44 1.11
CA PHE A 71 23.38 -3.03 1.00
C PHE A 71 23.06 -2.41 -0.36
N SER A 72 21.91 -2.80 -0.92
CA SER A 72 21.47 -2.20 -2.16
C SER A 72 19.95 -1.98 -2.15
N VAL A 73 19.50 -1.05 -2.98
CA VAL A 73 18.06 -0.83 -3.17
C VAL A 73 17.75 -0.99 -4.64
N ASN A 74 16.79 -1.89 -4.92
CA ASN A 74 17.05 -2.86 -5.99
C ASN A 74 17.90 -2.49 -7.20
N GLY A 75 19.06 -3.13 -7.17
CA GLY A 75 20.07 -3.02 -8.20
C GLY A 75 21.18 -2.08 -7.78
N SER A 76 20.84 -1.00 -7.08
CA SER A 76 21.79 0.08 -6.86
C SER A 76 22.46 0.00 -5.51
N ILE A 77 23.80 0.00 -5.51
CA ILE A 77 24.57 0.01 -4.28
C ILE A 77 24.16 1.17 -3.32
N SER A 78 23.88 0.81 -2.07
CA SER A 78 23.57 1.78 -1.03
C SER A 78 24.72 1.93 -0.02
N ALA A 79 25.29 0.80 0.38
CA ALA A 79 26.46 0.78 1.27
C ALA A 79 27.33 -0.40 0.93
N SER A 80 28.65 -0.18 0.93
CA SER A 80 29.61 -1.18 0.44
C SER A 80 30.63 -1.56 1.54
N GLY A 81 30.76 -2.85 1.83
CA GLY A 81 31.66 -3.35 2.89
C GLY A 81 31.32 -2.80 4.30
N VAL A 82 30.08 -3.00 4.71
CA VAL A 82 29.68 -2.57 6.05
C VAL A 82 30.09 -3.73 6.95
N ALA A 83 31.04 -3.49 7.84
CA ALA A 83 31.61 -4.58 8.66
C ALA A 83 30.68 -4.87 9.83
N PHE A 84 30.46 -6.15 10.13
CA PHE A 84 29.68 -6.50 11.32
C PHE A 84 30.61 -7.29 12.24
N GLY A 85 31.13 -6.59 13.24
CA GLY A 85 32.14 -7.13 14.12
C GLY A 85 31.54 -8.06 15.15
N SER A 86 32.42 -8.56 16.02
CA SER A 86 32.07 -9.53 17.02
C SER A 86 31.12 -8.95 18.05
N THR A 87 30.23 -9.81 18.54
CA THR A 87 29.41 -9.50 19.73
C THR A 87 29.75 -10.50 20.85
N GLY A 88 30.81 -11.30 20.67
CA GLY A 88 31.29 -12.21 21.74
C GLY A 88 30.53 -13.53 21.70
N THR A 89 29.21 -13.46 21.87
CA THR A 89 28.36 -14.66 21.79
C THR A 89 27.18 -14.42 20.85
N TRP A 90 26.60 -15.52 20.39
CA TRP A 90 25.43 -15.44 19.50
C TRP A 90 24.16 -14.81 20.08
N PRO A 91 23.82 -15.06 21.36
CA PRO A 91 22.65 -14.36 21.91
C PRO A 91 22.88 -12.87 22.23
N ALA A 92 24.11 -12.37 22.05
CA ALA A 92 24.41 -10.98 22.43
C ALA A 92 24.18 -9.98 21.27
N TRP A 93 22.91 -9.79 20.91
CA TRP A 93 22.53 -8.88 19.82
C TRP A 93 22.92 -7.42 20.08
N THR A 94 23.30 -6.75 19.01
CA THR A 94 23.49 -5.32 19.04
C THR A 94 22.99 -4.76 17.69
N THR A 95 23.17 -3.45 17.49
CA THR A 95 22.73 -2.82 16.27
C THR A 95 23.84 -2.02 15.64
N LYS A 96 23.68 -1.85 14.33
CA LYS A 96 24.49 -0.95 13.53
C LYS A 96 23.56 -0.16 12.60
N THR A 97 23.77 1.14 12.53
CA THR A 97 22.98 1.98 11.61
C THR A 97 23.70 2.14 10.27
N VAL A 98 22.95 1.90 9.21
CA VAL A 98 23.41 2.01 7.81
C VAL A 98 22.49 3.05 7.15
N ARG A 99 23.09 4.03 6.46
CA ARG A 99 22.36 5.06 5.68
C ARG A 99 21.91 4.47 4.34
N VAL A 100 20.60 4.47 4.11
CA VAL A 100 20.11 4.01 2.84
C VAL A 100 19.07 5.02 2.28
N THR A 101 19.31 5.42 1.04
CA THR A 101 18.42 6.32 0.32
C THR A 101 17.28 5.56 -0.35
N LEU A 102 16.07 6.04 -0.05
CA LEU A 102 14.80 5.37 -0.43
C LEU A 102 13.87 6.37 -1.14
N ALA A 103 13.00 5.85 -1.99
CA ALA A 103 11.89 6.59 -2.55
C ALA A 103 10.69 6.54 -1.58
N ALA A 104 9.77 7.51 -1.72
CA ALA A 104 8.47 7.43 -1.02
C ALA A 104 7.77 6.12 -1.39
N GLY A 105 7.18 5.44 -0.40
CA GLY A 105 6.42 4.23 -0.66
C GLY A 105 7.24 2.97 -0.47
N VAL A 106 6.90 1.94 -1.25
CA VAL A 106 7.57 0.64 -1.16
C VAL A 106 9.00 0.62 -1.77
N ASN A 107 9.93 0.05 -1.01
CA ASN A 107 11.31 -0.16 -1.45
C ASN A 107 11.72 -1.56 -1.01
N LYS A 108 12.71 -2.12 -1.68
CA LYS A 108 13.35 -3.36 -1.23
C LYS A 108 14.81 -3.08 -0.92
N ILE A 109 15.22 -3.49 0.27
CA ILE A 109 16.61 -3.32 0.73
C ILE A 109 17.21 -4.71 0.84
N LYS A 110 18.32 -4.92 0.12
CA LYS A 110 18.99 -6.21 0.16
C LYS A 110 20.36 -6.05 0.84
N ALA A 111 20.66 -6.93 1.81
CA ALA A 111 22.00 -7.09 2.48
C ALA A 111 22.63 -8.45 2.11
N VAL A 112 23.74 -8.38 1.39
CA VAL A 112 24.40 -9.59 0.87
CA VAL A 112 24.43 -9.56 0.81
C VAL A 112 25.80 -9.73 1.45
N ALA A 113 26.12 -10.96 1.87
CA ALA A 113 27.43 -11.25 2.42
C ALA A 113 28.48 -11.27 1.34
N THR A 114 29.61 -10.59 1.60
CA THR A 114 30.69 -10.48 0.60
C THR A 114 31.88 -11.40 0.88
N THR A 115 31.91 -12.09 2.03
CA THR A 115 33.04 -13.03 2.30
C THR A 115 32.55 -14.45 2.49
N ALA A 116 33.46 -15.43 2.37
CA ALA A 116 33.13 -16.85 2.57
C ALA A 116 32.51 -17.23 3.95
N ASN A 117 32.59 -16.35 4.94
CA ASN A 117 31.94 -16.54 6.27
C ASN A 117 30.44 -16.24 6.29
N GLY A 118 29.91 -15.71 5.19
CA GLY A 118 28.50 -15.35 5.14
C GLY A 118 28.27 -14.11 6.01
N GLY A 119 27.01 -13.85 6.34
CA GLY A 119 26.72 -12.65 7.11
C GLY A 119 26.66 -12.93 8.61
N PRO A 120 26.48 -11.85 9.41
CA PRO A 120 26.19 -12.08 10.80
C PRO A 120 24.78 -12.71 10.88
N ASN A 121 24.41 -13.27 12.02
CA ASN A 121 22.99 -13.55 12.23
C ASN A 121 22.23 -12.22 12.30
N VAL A 122 21.12 -12.13 11.59
CA VAL A 122 20.34 -10.87 11.53
C VAL A 122 18.92 -11.09 12.06
N ASP A 123 18.53 -10.29 13.04
CA ASP A 123 17.24 -10.41 13.67
C ASP A 123 16.17 -9.68 12.85
N LYS A 124 16.49 -8.46 12.41
CA LYS A 124 15.54 -7.57 11.75
C LYS A 124 16.32 -6.31 11.33
N ILE A 125 15.66 -5.49 10.52
CA ILE A 125 16.04 -4.09 10.33
C ILE A 125 14.87 -3.23 10.82
N THR A 126 15.20 -2.03 11.29
CA THR A 126 14.18 -1.08 11.78
C THR A 126 14.43 0.28 11.14
N LEU A 127 13.38 0.90 10.60
CA LEU A 127 13.49 2.24 10.00
C LEU A 127 12.12 2.88 9.79
N ASP B 2 -9.64 10.31 8.72
CA ASP B 2 -10.26 11.39 7.87
C ASP B 2 -10.66 10.88 6.50
N PRO B 3 -11.84 11.31 5.98
CA PRO B 3 -12.24 10.73 4.72
C PRO B 3 -11.45 11.33 3.58
N VAL B 4 -11.19 10.47 2.60
CA VAL B 4 -10.41 10.81 1.44
C VAL B 4 -11.38 10.95 0.26
N ASP B 5 -11.06 11.87 -0.64
CA ASP B 5 -11.76 11.94 -1.92
C ASP B 5 -11.18 10.93 -2.88
N TYR B 6 -12.09 10.21 -3.53
CA TYR B 6 -11.77 9.40 -4.70
C TYR B 6 -12.49 9.95 -5.94
N GLN B 7 -11.72 10.65 -6.78
CA GLN B 7 -12.36 11.26 -7.97
C GLN B 7 -12.86 10.26 -9.02
N ALA B 8 -14.08 10.47 -9.51
CA ALA B 8 -14.68 9.56 -10.47
C ALA B 8 -13.83 9.49 -11.75
N GLU B 9 -13.34 10.68 -12.16
CA GLU B 9 -12.57 10.82 -13.40
C GLU B 9 -11.23 10.05 -13.26
N ASP B 10 -10.82 9.72 -12.04
CA ASP B 10 -9.61 8.94 -11.84
C ASP B 10 -9.86 7.43 -11.71
N ALA B 11 -11.15 7.07 -11.72
CA ALA B 11 -11.55 5.66 -11.50
C ALA B 11 -11.69 4.84 -12.83
N THR B 12 -12.14 3.60 -12.72
CA THR B 12 -12.30 2.74 -13.89
C THR B 12 -13.71 3.00 -14.44
N ILE B 13 -13.77 3.62 -15.61
CA ILE B 13 -15.03 3.95 -16.24
C ILE B 13 -15.41 2.95 -17.36
N VAL B 14 -16.66 2.51 -17.31
CA VAL B 14 -17.26 1.62 -18.32
C VAL B 14 -18.50 2.30 -18.95
N GLN B 15 -18.47 2.50 -20.27
CA GLN B 15 -19.51 3.25 -20.97
C GLN B 15 -19.81 4.62 -20.34
N GLY B 16 -18.79 5.46 -20.30
CA GLY B 16 -18.95 6.81 -19.74
C GLY B 16 -17.81 7.66 -20.23
N ALA B 17 -17.86 8.93 -19.82
CA ALA B 17 -16.89 9.91 -20.35
C ALA B 17 -16.49 10.89 -19.23
N VAL B 18 -15.21 11.18 -19.10
CA VAL B 18 -14.72 12.29 -18.29
C VAL B 18 -15.03 13.63 -19.00
N GLU B 19 -15.77 14.48 -18.30
CA GLU B 19 -16.18 15.80 -18.83
C GLU B 19 -15.89 16.88 -17.77
N SER B 20 -15.98 18.14 -18.16
CA SER B 20 -15.69 19.27 -17.23
C SER B 20 -16.45 20.55 -17.67
N ASN B 21 -17.64 20.38 -18.27
CA ASN B 21 -18.39 21.48 -18.90
C ASN B 21 -19.56 21.99 -18.05
N HIS B 22 -19.66 21.46 -16.82
CA HIS B 22 -20.51 22.00 -15.78
C HIS B 22 -19.63 22.44 -14.64
N ALA B 23 -19.90 23.64 -14.14
CA ALA B 23 -19.14 24.17 -13.00
C ALA B 23 -19.35 23.35 -11.71
N GLY B 24 -18.42 23.49 -10.79
CA GLY B 24 -18.61 22.97 -9.43
C GLY B 24 -18.07 21.59 -9.13
N TYR B 25 -17.55 20.85 -10.13
CA TYR B 25 -16.88 19.56 -9.86
C TYR B 25 -15.58 19.83 -9.07
N THR B 26 -15.08 18.79 -8.42
CA THR B 26 -13.78 18.88 -7.70
C THR B 26 -12.80 18.01 -8.43
N GLY B 27 -11.53 18.10 -8.09
CA GLY B 27 -10.57 17.35 -8.90
C GLY B 27 -10.50 17.99 -10.28
N THR B 28 -10.15 17.23 -11.30
CA THR B 28 -9.99 17.75 -12.68
C THR B 28 -11.26 17.64 -13.58
N GLY B 29 -12.29 16.98 -13.09
CA GLY B 29 -13.53 16.94 -13.87
C GLY B 29 -14.54 16.08 -13.16
N PHE B 30 -15.27 15.29 -13.94
CA PHE B 30 -16.35 14.39 -13.44
C PHE B 30 -16.65 13.34 -14.51
N VAL B 31 -17.45 12.35 -14.13
CA VAL B 31 -17.89 11.31 -15.03
C VAL B 31 -19.35 11.47 -15.42
N ASN B 32 -19.53 11.52 -16.73
CA ASN B 32 -20.87 11.50 -17.35
C ASN B 32 -21.14 10.05 -17.83
N TYR B 33 -21.91 9.28 -17.04
CA TYR B 33 -22.30 7.91 -17.44
C TYR B 33 -22.92 7.93 -18.82
N ASP B 34 -22.63 6.98 -19.71
CA ASP B 34 -23.49 6.95 -20.90
C ASP B 34 -24.93 6.60 -20.49
N ASN B 35 -25.90 7.14 -21.24
CA ASN B 35 -27.34 6.95 -20.96
C ASN B 35 -27.78 5.60 -21.46
N VAL B 36 -27.46 4.60 -20.66
CA VAL B 36 -27.73 3.20 -20.95
C VAL B 36 -27.55 2.46 -19.64
N ALA B 37 -28.30 1.36 -19.47
CA ALA B 37 -28.07 0.50 -18.31
C ALA B 37 -26.69 -0.18 -18.47
N GLY B 38 -25.99 -0.39 -17.36
CA GLY B 38 -24.69 -1.04 -17.36
C GLY B 38 -23.50 -0.12 -17.50
N SER B 39 -23.77 1.17 -17.71
CA SER B 39 -22.71 2.20 -17.51
C SER B 39 -22.21 2.16 -16.03
N SER B 40 -20.90 2.27 -15.82
CA SER B 40 -20.39 2.11 -14.47
C SER B 40 -19.12 2.89 -14.18
N VAL B 41 -18.88 3.13 -12.89
CA VAL B 41 -17.59 3.63 -12.40
C VAL B 41 -17.19 2.74 -11.23
N GLU B 42 -15.90 2.44 -11.14
CA GLU B 42 -15.36 1.55 -10.13
C GLU B 42 -14.09 2.20 -9.55
N TRP B 43 -14.22 2.63 -8.30
CA TRP B 43 -13.19 3.28 -7.49
C TRP B 43 -12.36 2.22 -6.70
N THR B 44 -11.06 2.48 -6.66
CA THR B 44 -10.17 1.75 -5.75
C THR B 44 -9.94 2.62 -4.51
N VAL B 45 -10.33 2.10 -3.37
CA VAL B 45 -10.22 2.82 -2.09
C VAL B 45 -9.38 2.02 -1.09
N THR B 46 -8.91 2.68 -0.05
CA THR B 46 -8.31 1.93 1.07
C THR B 46 -8.72 2.57 2.37
N VAL B 47 -9.06 1.69 3.31
CA VAL B 47 -9.63 2.09 4.55
C VAL B 47 -8.87 1.32 5.62
N PRO B 48 -8.75 1.90 6.83
CA PRO B 48 -7.89 1.32 7.87
C PRO B 48 -8.50 0.11 8.60
N SER B 49 -9.81 -0.07 8.54
CA SER B 49 -10.41 -1.18 9.27
C SER B 49 -11.63 -1.73 8.58
N ALA B 50 -11.91 -3.03 8.80
CA ALA B 50 -13.10 -3.70 8.26
C ALA B 50 -14.36 -3.08 8.92
N GLY B 51 -15.39 -2.80 8.14
CA GLY B 51 -16.64 -2.40 8.68
C GLY B 51 -17.48 -1.67 7.67
N THR B 52 -18.52 -1.02 8.13
CA THR B 52 -19.45 -0.40 7.19
C THR B 52 -19.16 1.08 7.15
N TYR B 53 -18.85 1.58 5.95
CA TYR B 53 -18.50 3.01 5.82
C TYR B 53 -19.63 3.86 5.25
N ASP B 54 -19.70 5.13 5.67
CA ASP B 54 -20.54 6.12 5.00
C ASP B 54 -19.84 6.60 3.72
N VAL B 55 -20.27 6.10 2.57
CA VAL B 55 -19.67 6.52 1.31
C VAL B 55 -20.48 7.71 0.83
N VAL B 56 -19.86 8.89 0.90
CA VAL B 56 -20.51 10.11 0.41
C VAL B 56 -20.33 10.27 -1.13
N VAL B 57 -21.44 10.20 -1.84
CA VAL B 57 -21.42 10.25 -3.31
C VAL B 57 -21.80 11.69 -3.68
N ARG B 58 -20.92 12.37 -4.43
CA ARG B 58 -21.23 13.73 -4.91
C ARG B 58 -21.61 13.67 -6.38
N TYR B 59 -22.84 14.12 -6.68
CA TYR B 59 -23.47 13.81 -7.98
C TYR B 59 -24.38 14.95 -8.46
N ALA B 60 -24.78 14.87 -9.73
CA ALA B 60 -25.78 15.78 -10.33
C ALA B 60 -26.75 15.05 -11.24
N ASN B 61 -27.99 15.52 -11.26
CA ASN B 61 -28.98 14.97 -12.17
C ASN B 61 -29.91 16.15 -12.54
N GLY B 62 -29.64 16.72 -13.71
CA GLY B 62 -30.39 17.85 -14.26
C GLY B 62 -31.65 17.42 -14.98
N THR B 63 -32.32 16.39 -14.45
CA THR B 63 -33.60 15.94 -14.98
C THR B 63 -34.58 15.66 -13.84
N THR B 64 -35.84 15.52 -14.22
CA THR B 64 -36.88 15.16 -13.24
C THR B 64 -36.99 13.63 -13.03
N THR B 65 -36.11 12.83 -13.66
CA THR B 65 -36.24 11.35 -13.52
C THR B 65 -35.09 10.84 -12.67
N SER B 66 -35.42 10.03 -11.65
CA SER B 66 -34.41 9.44 -10.78
C SER B 66 -33.55 8.46 -11.57
N ARG B 67 -32.26 8.42 -11.26
CA ARG B 67 -31.30 7.56 -11.97
C ARG B 67 -30.63 6.62 -10.94
N PRO B 68 -31.20 5.43 -10.79
CA PRO B 68 -30.64 4.57 -9.75
C PRO B 68 -29.33 3.84 -10.10
N LEU B 69 -28.54 3.55 -9.07
CA LEU B 69 -27.27 2.80 -9.22
C LEU B 69 -27.30 1.65 -8.20
N ASP B 70 -26.72 0.54 -8.63
CA ASP B 70 -26.36 -0.55 -7.71
C ASP B 70 -24.87 -0.46 -7.39
N PHE B 71 -24.57 -0.49 -6.10
CA PHE B 71 -23.20 -0.53 -5.58
C PHE B 71 -22.80 -1.91 -5.15
N SER B 72 -21.52 -2.25 -5.39
CA SER B 72 -21.05 -3.58 -5.06
C SER B 72 -19.56 -3.49 -4.74
N VAL B 73 -19.11 -4.46 -3.96
CA VAL B 73 -17.70 -4.57 -3.60
C VAL B 73 -17.24 -5.97 -3.96
N ASN B 74 -16.24 -5.98 -4.84
CA ASN B 74 -15.60 -7.19 -5.38
C ASN B 74 -16.63 -8.31 -5.70
N GLY B 75 -17.66 -7.91 -6.46
CA GLY B 75 -18.66 -8.79 -7.01
C GLY B 75 -19.88 -9.07 -6.15
N SER B 76 -19.92 -8.50 -4.95
CA SER B 76 -21.06 -8.71 -4.05
C SER B 76 -21.86 -7.42 -3.83
N ILE B 77 -23.19 -7.49 -3.93
CA ILE B 77 -24.06 -6.29 -3.78
C ILE B 77 -23.85 -5.64 -2.40
N SER B 78 -23.67 -4.31 -2.41
CA SER B 78 -23.56 -3.48 -1.18
C SER B 78 -24.81 -2.64 -0.95
N ALA B 79 -25.34 -2.11 -2.04
CA ALA B 79 -26.56 -1.30 -2.02
C ALA B 79 -27.24 -1.49 -3.34
N SER B 80 -28.55 -1.72 -3.28
CA SER B 80 -29.33 -2.08 -4.46
C SER B 80 -30.44 -1.06 -4.77
N GLY B 81 -30.46 -0.52 -5.99
CA GLY B 81 -31.51 0.44 -6.43
C GLY B 81 -31.45 1.73 -5.61
N VAL B 82 -30.23 2.25 -5.42
CA VAL B 82 -30.05 3.58 -4.79
C VAL B 82 -30.46 4.68 -5.78
N ALA B 83 -31.54 5.41 -5.47
CA ALA B 83 -32.10 6.42 -6.39
C ALA B 83 -31.37 7.75 -6.30
N PHE B 84 -30.96 8.30 -7.45
CA PHE B 84 -30.30 9.61 -7.49
C PHE B 84 -31.29 10.58 -8.15
N GLY B 85 -31.97 11.34 -7.31
CA GLY B 85 -33.09 12.19 -7.72
C GLY B 85 -32.56 13.45 -8.40
N SER B 86 -33.50 14.29 -8.82
CA SER B 86 -33.17 15.52 -9.49
C SER B 86 -32.35 16.47 -8.60
N THR B 87 -31.40 17.18 -9.19
CA THR B 87 -30.73 18.30 -8.51
C THR B 87 -31.11 19.61 -9.22
N GLY B 88 -32.12 19.58 -10.06
CA GLY B 88 -32.57 20.78 -10.77
C GLY B 88 -31.72 21.12 -11.97
N THR B 89 -30.44 21.42 -11.74
CA THR B 89 -29.50 21.76 -12.82
C THR B 89 -28.25 20.86 -12.68
N TRP B 90 -27.52 20.74 -13.79
CA TRP B 90 -26.28 19.99 -13.77
C TRP B 90 -25.16 20.50 -12.90
N PRO B 91 -24.96 21.83 -12.78
CA PRO B 91 -23.91 22.23 -11.81
C PRO B 91 -24.25 22.15 -10.31
N ALA B 92 -25.52 21.80 -9.96
CA ALA B 92 -25.96 21.75 -8.57
C ALA B 92 -25.58 20.43 -7.89
N TRP B 93 -24.28 20.25 -7.69
CA TRP B 93 -23.72 19.03 -7.13
C TRP B 93 -24.29 18.82 -5.73
N THR B 94 -24.69 17.59 -5.49
CA THR B 94 -25.42 17.23 -4.31
C THR B 94 -24.80 15.94 -3.79
N THR B 95 -24.95 15.70 -2.50
CA THR B 95 -24.39 14.51 -1.85
C THR B 95 -25.48 13.57 -1.33
N LYS B 96 -25.12 12.30 -1.27
CA LYS B 96 -25.98 11.22 -0.78
C LYS B 96 -25.01 10.20 -0.16
N THR B 97 -25.37 9.76 1.04
CA THR B 97 -24.57 8.79 1.72
C THR B 97 -25.12 7.37 1.46
N VAL B 98 -24.21 6.48 1.09
CA VAL B 98 -24.51 5.07 0.85
C VAL B 98 -23.66 4.24 1.82
N ARG B 99 -24.29 3.32 2.54
CA ARG B 99 -23.57 2.40 3.42
C ARG B 99 -22.87 1.32 2.62
N VAL B 100 -21.57 1.17 2.80
CA VAL B 100 -20.83 0.12 2.08
C VAL B 100 -19.86 -0.63 3.06
N THR B 101 -19.98 -1.95 3.12
CA THR B 101 -19.12 -2.78 3.97
C THR B 101 -17.86 -3.12 3.22
N LEU B 102 -16.73 -2.83 3.87
CA LEU B 102 -15.39 -2.91 3.33
C LEU B 102 -14.50 -3.75 4.24
N ALA B 103 -13.51 -4.41 3.63
CA ALA B 103 -12.41 -5.05 4.34
C ALA B 103 -11.33 -4.00 4.64
N ALA B 104 -10.48 -4.28 5.62
CA ALA B 104 -9.34 -3.41 5.90
C ALA B 104 -8.46 -3.46 4.65
N GLY B 105 -7.88 -2.31 4.30
CA GLY B 105 -6.99 -2.19 3.15
C GLY B 105 -7.67 -1.81 1.85
N VAL B 106 -7.20 -2.39 0.74
CA VAL B 106 -7.70 -1.97 -0.57
C VAL B 106 -9.03 -2.68 -0.91
N ASN B 107 -9.97 -1.91 -1.46
CA ASN B 107 -11.24 -2.44 -1.92
C ASN B 107 -11.61 -1.76 -3.24
N LYS B 108 -12.45 -2.42 -4.03
CA LYS B 108 -13.02 -1.75 -5.19
C LYS B 108 -14.54 -1.65 -5.02
N ILE B 109 -15.01 -0.41 -5.17
CA ILE B 109 -16.44 -0.11 -5.09
C ILE B 109 -16.91 0.20 -6.49
N LYS B 110 -17.88 -0.58 -6.94
CA LYS B 110 -18.44 -0.38 -8.25
C LYS B 110 -19.87 0.19 -8.15
N ALA B 111 -20.15 1.25 -8.90
CA ALA B 111 -21.53 1.77 -9.06
C ALA B 111 -22.02 1.72 -10.51
N VAL B 112 -23.05 0.88 -10.74
CA VAL B 112 -23.54 0.56 -12.08
C VAL B 112 -24.97 1.05 -12.28
N ALA B 113 -25.23 1.71 -13.40
CA ALA B 113 -26.59 2.18 -13.75
C ALA B 113 -27.49 1.02 -14.09
N THR B 114 -28.71 1.07 -13.56
CA THR B 114 -29.67 -0.04 -13.78
C THR B 114 -30.79 0.29 -14.76
N THR B 115 -30.85 1.55 -15.21
CA THR B 115 -31.94 2.02 -16.09
C THR B 115 -31.36 2.62 -17.36
N ALA B 116 -32.22 2.75 -18.39
CA ALA B 116 -31.81 3.23 -19.72
C ALA B 116 -31.28 4.67 -19.72
N ASN B 117 -31.57 5.44 -18.67
CA ASN B 117 -31.06 6.82 -18.53
C ASN B 117 -29.61 6.88 -18.02
N GLY B 118 -29.05 5.71 -17.71
CA GLY B 118 -27.69 5.64 -17.19
C GLY B 118 -27.61 6.20 -15.77
N GLY B 119 -26.41 6.57 -15.35
CA GLY B 119 -26.22 7.13 -14.01
C GLY B 119 -26.41 8.62 -13.92
N PRO B 120 -26.43 9.18 -12.68
CA PRO B 120 -26.33 10.66 -12.60
C PRO B 120 -24.86 11.02 -13.00
N ASN B 121 -24.55 12.27 -13.33
CA ASN B 121 -23.12 12.66 -13.38
C ASN B 121 -22.50 12.45 -11.98
N VAL B 122 -21.27 11.93 -11.92
CA VAL B 122 -20.66 11.68 -10.59
C VAL B 122 -19.31 12.39 -10.48
N ASP B 123 -19.17 13.25 -9.47
CA ASP B 123 -17.93 13.99 -9.30
C ASP B 123 -16.83 13.11 -8.63
N LYS B 124 -17.23 12.40 -7.59
CA LYS B 124 -16.32 11.70 -6.70
C LYS B 124 -17.17 10.93 -5.67
N ILE B 125 -16.50 10.00 -4.98
CA ILE B 125 -16.98 9.46 -3.71
C ILE B 125 -15.96 9.84 -2.63
N THR B 126 -16.43 9.98 -1.37
CA THR B 126 -15.59 10.41 -0.25
C THR B 126 -15.87 9.50 0.96
N LEU B 127 -14.81 8.92 1.52
CA LEU B 127 -14.99 7.96 2.62
C LEU B 127 -13.71 7.71 3.37
#